data_6R6X
#
_entry.id   6R6X
#
_cell.length_a   68.240
_cell.length_b   68.240
_cell.length_c   283.540
_cell.angle_alpha   90.00
_cell.angle_beta   90.00
_cell.angle_gamma   120.00
#
_symmetry.space_group_name_H-M   'P 65 2 2'
#
loop_
_entity.id
_entity.type
_entity.pdbx_description
1 polymer 'Dual specificity protein kinase CLK1'
2 non-polymer 5-(1-methylindol-3-yl)pyrimidin-4-amine
3 water water
#
_entity_poly.entity_id   1
_entity_poly.type   'polypeptide(L)'
_entity_poly.pdbx_seq_one_letter_code
;HLICQSGDVLSARYEIVDTLGEGAFGKVVECIDHKAGGRHVAVKIVKNVDRYCEAARSEIQVLEHLNTTDPNSTFRCVQM
LEWFEHHGHICIVFELLGLSTYDFIKENGFLPFRLDHIRKMAYQICKSVNFLHSNKLTHTDLKPENILFVQSDYTEAYNP
KIKRDERTLINPDIKVVDFGSATYDDEHHSTLVSTRHYRAPEVILALGWSQPCDVWSIGCILIEYYLGFTVFPTHDSKEH
LAMMERILGPLPKHMIQKTRKRKYFHHDRLDWDEHSSAGRYVSRRCKPLKEFMLSQDVEHERLFDLIQKMLEYDPAKRIT
LREALKHPFFDLLKKSI
;
_entity_poly.pdbx_strand_id   A
#
# COMPACT_ATOMS: atom_id res chain seq x y z
N GLN A 5 19.63 -4.50 -18.61
CA GLN A 5 19.48 -4.98 -20.01
C GLN A 5 18.95 -3.88 -20.95
N SER A 6 19.49 -2.66 -20.82
CA SER A 6 19.07 -1.46 -21.61
C SER A 6 19.59 -1.49 -23.06
N GLY A 7 18.95 -0.71 -23.95
CA GLY A 7 19.21 -0.80 -25.42
C GLY A 7 18.58 -2.03 -26.09
N ASP A 8 18.08 -2.98 -25.27
CA ASP A 8 17.39 -4.19 -25.71
C ASP A 8 15.96 -3.88 -26.13
N VAL A 9 15.43 -4.78 -26.96
CA VAL A 9 14.14 -4.62 -27.64
C VAL A 9 13.25 -5.85 -27.43
N LEU A 10 11.98 -5.56 -27.16
CA LEU A 10 10.98 -6.55 -26.80
C LEU A 10 9.88 -6.42 -27.84
N SER A 11 9.36 -7.56 -28.29
CA SER A 11 8.23 -7.60 -29.23
C SER A 11 8.53 -6.75 -30.47
N ALA A 12 9.82 -6.53 -30.70
CA ALA A 12 10.30 -5.67 -31.79
C ALA A 12 9.73 -4.23 -31.80
N ARG A 13 9.53 -3.63 -30.64
CA ARG A 13 9.08 -2.23 -30.69
C ARG A 13 9.40 -1.42 -29.46
N TYR A 14 9.59 -2.11 -28.36
CA TYR A 14 9.77 -1.47 -27.08
C TYR A 14 11.25 -1.52 -26.75
N GLU A 15 11.91 -0.37 -26.80
CA GLU A 15 13.32 -0.31 -26.47
C GLU A 15 13.45 0.10 -25.03
N ILE A 16 14.07 -0.76 -24.23
CA ILE A 16 14.33 -0.45 -22.83
C ILE A 16 15.27 0.75 -22.65
N VAL A 17 14.88 1.72 -21.82
CA VAL A 17 15.78 2.85 -21.57
C VAL A 17 16.18 3.09 -20.09
N ASP A 18 15.59 2.35 -19.15
CA ASP A 18 15.75 2.69 -17.74
C ASP A 18 14.97 1.72 -16.86
N THR A 19 15.41 1.53 -15.62
CA THR A 19 14.69 0.64 -14.71
C THR A 19 13.93 1.44 -13.68
N LEU A 20 12.63 1.19 -13.55
CA LEU A 20 11.79 1.97 -12.61
C LEU A 20 11.54 1.32 -11.24
N GLY A 21 11.87 0.06 -11.09
CA GLY A 21 11.41 -0.63 -9.90
C GLY A 21 11.87 -2.03 -10.10
N GLU A 22 12.05 -2.72 -8.98
CA GLU A 22 12.69 -4.05 -8.95
C GLU A 22 11.88 -4.79 -7.94
N GLY A 23 11.89 -6.11 -8.02
CA GLY A 23 10.98 -6.89 -7.20
C GLY A 23 11.30 -8.36 -7.14
N ALA A 24 10.60 -9.02 -6.23
CA ALA A 24 10.62 -10.47 -6.12
C ALA A 24 10.37 -11.05 -7.52
N PHE A 25 9.30 -10.55 -8.14
CA PHE A 25 8.80 -11.02 -9.42
C PHE A 25 9.69 -10.77 -10.63
N GLY A 26 10.55 -9.76 -10.57
CA GLY A 26 11.31 -9.33 -11.76
C GLY A 26 11.48 -7.82 -11.76
N LYS A 27 11.36 -7.17 -12.91
CA LYS A 27 11.56 -5.72 -12.90
C LYS A 27 10.55 -4.98 -13.76
N VAL A 28 10.46 -3.67 -13.51
CA VAL A 28 9.65 -2.79 -14.32
C VAL A 28 10.58 -1.79 -14.95
N VAL A 29 10.53 -1.72 -16.26
CA VAL A 29 11.44 -0.85 -17.01
C VAL A 29 10.66 0.18 -17.82
N GLU A 30 11.34 1.28 -18.13
CA GLU A 30 10.79 2.31 -18.99
C GLU A 30 11.19 1.96 -20.42
N CYS A 31 10.24 1.95 -21.36
CA CYS A 31 10.51 1.68 -22.77
C CYS A 31 10.10 2.79 -23.69
N ILE A 32 10.90 2.99 -24.74
CA ILE A 32 10.44 3.80 -25.85
C ILE A 32 9.58 2.90 -26.72
N ASP A 33 8.45 3.39 -27.25
CA ASP A 33 7.67 2.61 -28.21
C ASP A 33 7.99 3.04 -29.62
N HIS A 34 8.83 2.27 -30.31
CA HIS A 34 9.23 2.70 -31.66
C HIS A 34 8.08 2.71 -32.66
N LYS A 35 7.02 1.93 -32.39
CA LYS A 35 5.87 1.96 -33.26
C LYS A 35 4.77 2.96 -32.85
N ALA A 36 4.91 3.70 -31.74
CA ALA A 36 3.94 4.77 -31.38
C ALA A 36 4.60 6.14 -31.13
N GLY A 37 5.29 6.59 -32.18
CA GLY A 37 5.96 7.89 -32.19
C GLY A 37 7.16 8.01 -31.28
N GLY A 38 7.51 6.90 -30.62
CA GLY A 38 8.52 6.93 -29.59
C GLY A 38 8.02 7.33 -28.20
N ARG A 39 6.73 7.57 -27.98
CA ARG A 39 6.24 7.89 -26.61
C ARG A 39 6.48 6.70 -25.67
N HIS A 40 6.52 6.96 -24.36
CA HIS A 40 7.09 6.00 -23.38
C HIS A 40 6.08 5.25 -22.61
N VAL A 41 6.38 4.00 -22.30
CA VAL A 41 5.54 3.13 -21.53
C VAL A 41 6.34 2.40 -20.46
N ALA A 42 5.63 1.80 -19.52
CA ALA A 42 6.25 0.93 -18.51
C ALA A 42 5.98 -0.50 -18.92
N VAL A 43 6.93 -1.37 -18.64
CA VAL A 43 6.88 -2.77 -19.00
C VAL A 43 7.39 -3.57 -17.83
N LYS A 44 6.50 -4.37 -17.29
CA LYS A 44 6.83 -5.25 -16.22
C LYS A 44 7.30 -6.55 -16.81
N ILE A 45 8.56 -6.91 -16.56
CA ILE A 45 9.16 -8.14 -17.11
C ILE A 45 9.32 -9.12 -15.99
N VAL A 46 8.58 -10.21 -16.09
CA VAL A 46 8.43 -11.11 -14.97
C VAL A 46 9.49 -12.24 -15.05
N LYS A 47 10.01 -12.63 -13.89
CA LYS A 47 10.97 -13.72 -13.81
C LYS A 47 10.44 -14.99 -14.46
N ASN A 48 11.37 -15.81 -14.96
CA ASN A 48 11.05 -17.06 -15.61
C ASN A 48 11.00 -18.17 -14.55
N VAL A 49 9.94 -18.17 -13.75
CA VAL A 49 9.84 -18.98 -12.53
C VAL A 49 8.35 -19.10 -12.18
N ASP A 50 7.87 -20.33 -12.01
CA ASP A 50 6.42 -20.67 -11.86
C ASP A 50 5.62 -19.71 -11.04
N ARG A 51 6.09 -19.47 -9.81
CA ARG A 51 5.21 -18.76 -8.87
C ARG A 51 5.03 -17.35 -9.36
N TYR A 52 6.02 -16.83 -10.06
CA TYR A 52 5.88 -15.47 -10.60
C TYR A 52 5.08 -15.46 -11.89
N CYS A 53 5.19 -16.50 -12.71
CA CYS A 53 4.39 -16.58 -13.95
C CYS A 53 2.90 -16.66 -13.62
N GLU A 54 2.57 -17.52 -12.66
CA GLU A 54 1.18 -17.65 -12.25
C GLU A 54 0.62 -16.33 -11.69
N ALA A 55 1.41 -15.65 -10.87
CA ALA A 55 1.04 -14.30 -10.41
C ALA A 55 0.83 -13.34 -11.57
N ALA A 56 1.75 -13.32 -12.55
CA ALA A 56 1.51 -12.50 -13.75
C ALA A 56 0.26 -12.88 -14.52
N ARG A 57 -0.02 -14.17 -14.69
CA ARG A 57 -1.22 -14.57 -15.45
C ARG A 57 -2.39 -14.08 -14.65
N SER A 58 -2.35 -14.33 -13.34
CA SER A 58 -3.43 -13.89 -12.48
C SER A 58 -3.65 -12.38 -12.57
N GLU A 59 -2.55 -11.63 -12.48
CA GLU A 59 -2.62 -10.16 -12.67
C GLU A 59 -3.22 -9.77 -13.99
N ILE A 60 -2.80 -10.41 -15.06
CA ILE A 60 -3.40 -10.09 -16.35
C ILE A 60 -4.92 -10.36 -16.37
N GLN A 61 -5.37 -11.48 -15.83
CA GLN A 61 -6.85 -11.72 -15.83
C GLN A 61 -7.56 -10.66 -15.00
N VAL A 62 -7.03 -10.37 -13.80
CA VAL A 62 -7.62 -9.25 -12.99
C VAL A 62 -7.71 -7.93 -13.75
N LEU A 63 -6.63 -7.49 -14.40
CA LEU A 63 -6.64 -6.20 -15.11
C LEU A 63 -7.57 -6.15 -16.31
N GLU A 64 -7.52 -7.18 -17.14
CA GLU A 64 -8.53 -7.33 -18.23
C GLU A 64 -9.97 -7.12 -17.74
N HIS A 65 -10.30 -7.78 -16.65
CA HIS A 65 -11.59 -7.61 -15.93
C HIS A 65 -11.78 -6.17 -15.49
N LEU A 66 -10.77 -5.56 -14.87
CA LEU A 66 -10.98 -4.20 -14.41
C LEU A 66 -10.99 -3.21 -15.56
N ASN A 67 -10.17 -3.41 -16.59
CA ASN A 67 -10.17 -2.49 -17.72
C ASN A 67 -11.52 -2.55 -18.42
N THR A 68 -12.10 -3.76 -18.49
CA THR A 68 -13.41 -3.93 -19.11
C THR A 68 -14.47 -3.26 -18.32
N THR A 69 -14.51 -3.46 -16.99
CA THR A 69 -15.53 -2.77 -16.18
C THR A 69 -15.36 -1.25 -16.14
N ASP A 70 -14.12 -0.77 -16.12
CA ASP A 70 -13.80 0.65 -15.90
C ASP A 70 -12.70 1.04 -16.88
N PRO A 71 -13.03 1.17 -18.18
CA PRO A 71 -11.93 1.30 -19.14
C PRO A 71 -11.26 2.66 -19.07
N ASN A 72 -11.88 3.59 -18.37
CA ASN A 72 -11.32 4.95 -18.24
C ASN A 72 -10.62 5.17 -16.91
N SER A 73 -10.52 4.15 -16.09
CA SER A 73 -9.69 4.24 -14.88
C SER A 73 -10.28 5.36 -13.97
N THR A 74 -11.60 5.43 -13.96
CA THR A 74 -12.36 6.26 -13.02
C THR A 74 -12.03 5.91 -11.59
N PHE A 75 -11.70 4.64 -11.39
CA PHE A 75 -11.40 4.17 -10.06
C PHE A 75 -9.87 3.93 -9.86
N ARG A 76 -9.06 4.43 -10.80
CA ARG A 76 -7.65 4.69 -10.55
C ARG A 76 -6.85 3.40 -10.32
N CYS A 77 -7.27 2.32 -10.95
CA CYS A 77 -6.38 1.15 -11.09
C CYS A 77 -5.52 1.42 -12.28
N VAL A 78 -4.26 1.03 -12.24
CA VAL A 78 -3.38 1.22 -13.38
C VAL A 78 -3.89 0.56 -14.67
N GLN A 79 -3.64 1.17 -15.79
CA GLN A 79 -4.19 0.65 -17.05
C GLN A 79 -3.16 -0.23 -17.74
N MET A 80 -3.50 -1.49 -17.96
CA MET A 80 -2.70 -2.39 -18.77
C MET A 80 -3.04 -2.14 -20.23
N LEU A 81 -2.02 -2.10 -21.09
CA LEU A 81 -2.17 -1.67 -22.47
C LEU A 81 -2.14 -2.87 -23.43
N GLU A 82 -1.27 -3.82 -23.08
CA GLU A 82 -1.20 -5.14 -23.69
C GLU A 82 -0.24 -6.04 -22.89
N TRP A 83 -0.19 -7.32 -23.24
CA TRP A 83 0.85 -8.22 -22.70
C TRP A 83 1.32 -9.21 -23.73
N PHE A 84 2.51 -9.76 -23.50
CA PHE A 84 3.11 -10.77 -24.34
C PHE A 84 4.23 -11.58 -23.62
N GLU A 85 4.88 -12.49 -24.37
CA GLU A 85 6.01 -13.31 -23.92
C GLU A 85 7.31 -13.03 -24.69
N HIS A 86 8.45 -13.14 -24.02
CA HIS A 86 9.76 -12.76 -24.58
C HIS A 86 10.91 -13.44 -23.81
N HIS A 87 11.66 -14.31 -24.50
CA HIS A 87 12.64 -15.24 -23.90
C HIS A 87 12.02 -15.91 -22.68
N GLY A 88 10.77 -16.34 -22.85
CA GLY A 88 10.02 -17.04 -21.79
C GLY A 88 9.47 -16.18 -20.66
N HIS A 89 9.72 -14.86 -20.71
CA HIS A 89 9.30 -13.94 -19.66
C HIS A 89 7.93 -13.34 -20.00
N ILE A 90 6.99 -13.35 -19.06
CA ILE A 90 5.73 -12.63 -19.24
C ILE A 90 6.03 -11.14 -19.16
N CYS A 91 5.57 -10.36 -20.14
CA CYS A 91 5.76 -8.91 -20.16
C CYS A 91 4.43 -8.17 -20.24
N ILE A 92 4.20 -7.27 -19.29
CA ILE A 92 2.98 -6.48 -19.22
C ILE A 92 3.27 -4.96 -19.44
N VAL A 93 2.62 -4.41 -20.44
CA VAL A 93 2.79 -3.04 -20.81
C VAL A 93 1.68 -2.26 -20.17
N PHE A 94 2.09 -1.21 -19.45
CA PHE A 94 1.25 -0.33 -18.66
C PHE A 94 1.45 1.09 -19.10
N GLU A 95 0.47 1.94 -18.83
CA GLU A 95 0.68 3.37 -18.90
C GLU A 95 1.88 3.75 -18.03
N LEU A 96 2.68 4.68 -18.52
CA LEU A 96 3.84 5.13 -17.71
C LEU A 96 3.37 6.08 -16.61
N LEU A 97 3.57 5.72 -15.36
CA LEU A 97 3.17 6.56 -14.24
C LEU A 97 4.44 7.29 -13.74
N GLY A 98 4.32 8.16 -12.74
CA GLY A 98 5.48 8.81 -12.13
C GLY A 98 5.95 7.99 -10.95
N LEU A 99 6.55 8.63 -9.97
CA LEU A 99 7.13 7.92 -8.83
C LEU A 99 6.08 7.37 -7.91
N SER A 100 6.43 6.31 -7.22
CA SER A 100 5.60 5.81 -6.14
C SER A 100 5.56 6.79 -5.02
N THR A 101 4.55 6.72 -4.18
CA THR A 101 4.46 7.63 -3.05
C THR A 101 5.62 7.39 -2.05
N TYR A 102 6.12 6.16 -1.97
CA TYR A 102 7.29 5.89 -1.19
C TYR A 102 8.51 6.63 -1.73
N ASP A 103 8.76 6.49 -3.01
CA ASP A 103 9.96 7.09 -3.56
C ASP A 103 9.87 8.60 -3.48
N PHE A 104 8.67 9.14 -3.60
CA PHE A 104 8.56 10.57 -3.48
C PHE A 104 8.97 11.03 -2.09
N ILE A 105 8.46 10.38 -1.07
CA ILE A 105 8.68 10.84 0.27
C ILE A 105 10.15 10.65 0.59
N LYS A 106 10.72 9.57 0.11
CA LYS A 106 12.13 9.29 0.29
C LYS A 106 13.03 10.37 -0.33
N GLU A 107 12.82 10.63 -1.60
CA GLU A 107 13.54 11.70 -2.31
C GLU A 107 13.40 13.08 -1.68
N ASN A 108 12.33 13.26 -0.93
CA ASN A 108 12.07 14.47 -0.19
C ASN A 108 12.50 14.36 1.28
N GLY A 109 13.37 13.40 1.59
CA GLY A 109 13.96 13.33 2.90
C GLY A 109 13.04 12.87 3.98
N PHE A 110 12.02 12.11 3.62
CA PHE A 110 11.08 11.60 4.61
C PHE A 110 10.27 12.68 5.32
N LEU A 111 10.14 13.84 4.66
CA LEU A 111 9.16 14.84 5.08
C LEU A 111 7.78 14.33 4.79
N PRO A 112 6.86 14.50 5.74
CA PRO A 112 5.51 14.04 5.50
C PRO A 112 4.80 14.79 4.40
N PHE A 113 3.67 14.23 3.94
CA PHE A 113 2.88 14.94 2.94
C PHE A 113 2.03 15.95 3.68
N ARG A 114 1.76 17.08 3.02
CA ARG A 114 0.80 18.09 3.52
C ARG A 114 -0.58 17.48 3.63
N LEU A 115 -1.36 17.91 4.63
CA LEU A 115 -2.60 17.29 4.99
C LEU A 115 -3.68 17.33 3.89
N ASP A 116 -3.59 18.32 3.01
CA ASP A 116 -4.55 18.46 1.94
C ASP A 116 -4.22 17.44 0.88
N HIS A 117 -2.95 17.12 0.76
CA HIS A 117 -2.52 16.09 -0.19
C HIS A 117 -2.91 14.74 0.35
N ILE A 118 -2.59 14.46 1.59
CA ILE A 118 -3.04 13.23 2.22
C ILE A 118 -4.54 13.02 2.00
N ARG A 119 -5.31 14.10 2.18
CA ARG A 119 -6.76 14.01 2.07
C ARG A 119 -7.13 13.44 0.75
N LYS A 120 -6.60 14.04 -0.30
CA LYS A 120 -6.92 13.66 -1.67
C LYS A 120 -6.43 12.25 -2.02
N MET A 121 -5.22 11.96 -1.58
CA MET A 121 -4.56 10.69 -1.96
C MET A 121 -5.30 9.61 -1.27
N ALA A 122 -5.63 9.80 0.01
CA ALA A 122 -6.42 8.82 0.74
C ALA A 122 -7.81 8.59 0.16
N TYR A 123 -8.37 9.63 -0.39
CA TYR A 123 -9.71 9.48 -0.96
C TYR A 123 -9.62 8.54 -2.15
N GLN A 124 -8.73 8.88 -3.05
CA GLN A 124 -8.47 8.11 -4.27
C GLN A 124 -8.09 6.67 -4.01
N ILE A 125 -7.23 6.46 -3.02
CA ILE A 125 -6.86 5.13 -2.62
C ILE A 125 -8.07 4.34 -2.15
N CYS A 126 -8.87 4.94 -1.29
CA CYS A 126 -10.09 4.29 -0.78
C CYS A 126 -11.13 4.07 -1.87
N LYS A 127 -11.24 5.00 -2.82
CA LYS A 127 -12.14 4.83 -3.99
C LYS A 127 -11.72 3.57 -4.82
N SER A 128 -10.42 3.53 -5.13
CA SER A 128 -9.79 2.45 -5.94
C SER A 128 -9.96 1.10 -5.29
N VAL A 129 -9.65 1.02 -4.00
CA VAL A 129 -9.67 -0.23 -3.36
C VAL A 129 -11.14 -0.65 -3.09
N ASN A 130 -12.03 0.31 -2.86
CA ASN A 130 -13.43 -0.05 -2.75
C ASN A 130 -14.08 -0.59 -4.02
N PHE A 131 -13.69 -0.04 -5.16
CA PHE A 131 -13.98 -0.61 -6.49
C PHE A 131 -13.53 -2.06 -6.59
N LEU A 132 -12.32 -2.36 -6.16
CA LEU A 132 -11.91 -3.78 -6.02
C LEU A 132 -12.82 -4.58 -5.11
N HIS A 133 -13.13 -4.03 -3.94
CA HIS A 133 -13.94 -4.74 -2.96
C HIS A 133 -15.37 -4.97 -3.49
N SER A 134 -15.92 -4.02 -4.25
CA SER A 134 -17.24 -4.19 -4.92
C SER A 134 -17.20 -5.27 -5.95
N ASN A 135 -16.04 -5.56 -6.53
CA ASN A 135 -15.87 -6.65 -7.47
C ASN A 135 -15.32 -7.90 -6.90
N LYS A 136 -15.59 -8.16 -5.64
CA LYS A 136 -15.17 -9.39 -4.99
C LYS A 136 -13.66 -9.64 -4.98
N LEU A 137 -12.87 -8.56 -4.96
CA LEU A 137 -11.39 -8.70 -4.97
C LEU A 137 -10.76 -8.06 -3.70
N THR A 138 -9.70 -8.69 -3.17
CA THR A 138 -8.86 -8.12 -2.13
C THR A 138 -7.44 -7.96 -2.70
N HIS A 139 -6.89 -6.74 -2.62
CA HIS A 139 -5.64 -6.46 -3.23
C HIS A 139 -4.57 -7.25 -2.49
N THR A 140 -4.60 -7.21 -1.15
CA THR A 140 -3.66 -7.90 -0.23
C THR A 140 -2.24 -7.39 0.03
N ASP A 141 -1.74 -6.49 -0.79
CA ASP A 141 -0.36 -5.96 -0.65
C ASP A 141 -0.37 -4.46 -0.87
N LEU A 142 -1.30 -3.77 -0.21
CA LEU A 142 -1.30 -2.30 -0.29
C LEU A 142 -0.14 -1.78 0.54
N LYS A 143 0.57 -0.81 -0.02
CA LYS A 143 1.66 -0.16 0.67
C LYS A 143 2.14 1.04 -0.18
N PRO A 144 2.99 1.91 0.38
CA PRO A 144 3.26 3.10 -0.43
C PRO A 144 3.99 2.87 -1.71
N GLU A 145 4.74 1.76 -1.80
CA GLU A 145 5.44 1.45 -3.02
C GLU A 145 4.45 1.06 -4.15
N ASN A 146 3.24 0.67 -3.76
CA ASN A 146 2.20 0.32 -4.76
C ASN A 146 1.19 1.41 -5.05
N ILE A 147 1.40 2.63 -4.55
CA ILE A 147 0.56 3.80 -4.89
C ILE A 147 1.44 4.72 -5.67
N LEU A 148 1.12 4.99 -6.92
CA LEU A 148 1.99 5.76 -7.74
C LEU A 148 1.32 7.02 -8.12
N PHE A 149 2.11 8.09 -8.24
CA PHE A 149 1.63 9.35 -8.82
C PHE A 149 1.50 9.26 -10.32
N VAL A 150 0.41 9.81 -10.84
CA VAL A 150 0.18 9.91 -12.30
C VAL A 150 1.29 10.69 -12.99
N GLN A 151 1.71 11.79 -12.38
CA GLN A 151 2.91 12.49 -12.83
C GLN A 151 3.42 13.18 -11.59
N SER A 152 4.70 13.00 -11.31
CA SER A 152 5.26 13.30 -9.97
C SER A 152 5.94 14.69 -9.88
N ASP A 153 5.37 15.62 -10.64
CA ASP A 153 5.89 16.97 -10.84
C ASP A 153 5.68 17.83 -9.60
N TYR A 154 6.73 18.57 -9.29
CA TYR A 154 6.82 19.39 -8.09
C TYR A 154 7.40 20.79 -8.39
N THR A 155 7.26 21.68 -7.40
CA THR A 155 7.97 22.96 -7.38
C THR A 155 8.83 23.08 -6.11
N GLU A 156 9.79 24.00 -6.17
CA GLU A 156 10.93 24.09 -5.25
C GLU A 156 10.77 25.10 -4.08
N ALA A 157 9.62 25.07 -3.41
CA ALA A 157 9.29 26.04 -2.34
C ALA A 157 10.22 25.91 -1.14
N TYR A 158 11.03 26.94 -0.88
CA TYR A 158 11.84 27.01 0.34
C TYR A 158 10.91 27.13 1.58
N ASN A 159 11.26 26.49 2.71
CA ASN A 159 10.51 26.63 3.99
C ASN A 159 11.48 26.90 5.15
N PRO A 160 11.29 28.02 5.90
CA PRO A 160 12.20 28.42 7.01
C PRO A 160 12.09 27.68 8.36
N LYS A 161 11.00 26.92 8.57
CA LYS A 161 10.83 26.11 9.79
C LYS A 161 11.83 24.95 9.82
N ILE A 162 11.76 24.16 8.76
CA ILE A 162 12.77 23.14 8.47
C ILE A 162 14.12 23.78 8.11
N LYS A 163 14.08 25.10 7.87
CA LYS A 163 15.08 25.90 7.12
C LYS A 163 15.89 25.16 6.03
N ARG A 164 15.19 24.84 4.95
CA ARG A 164 15.71 23.96 3.90
C ARG A 164 14.67 23.81 2.77
N ASP A 165 15.15 23.58 1.55
CA ASP A 165 14.29 23.47 0.36
C ASP A 165 13.43 22.21 0.41
N GLU A 166 12.17 22.34 0.01
CA GLU A 166 11.31 21.17 -0.17
C GLU A 166 10.56 21.17 -1.50
N ARG A 167 9.94 20.02 -1.75
CA ARG A 167 9.27 19.75 -3.01
C ARG A 167 7.79 19.74 -2.72
N THR A 168 7.03 20.50 -3.50
CA THR A 168 5.58 20.47 -3.34
C THR A 168 4.97 19.88 -4.61
N LEU A 169 4.01 18.98 -4.42
CA LEU A 169 3.35 18.30 -5.52
C LEU A 169 2.41 19.18 -6.33
N ILE A 170 2.76 19.35 -7.59
CA ILE A 170 1.87 20.01 -8.53
C ILE A 170 0.50 19.37 -8.40
N ASN A 171 0.42 18.10 -8.79
CA ASN A 171 -0.83 17.34 -8.77
C ASN A 171 -0.59 15.97 -8.07
N PRO A 172 -1.35 15.68 -7.01
CA PRO A 172 -1.13 14.48 -6.25
C PRO A 172 -2.01 13.30 -6.64
N ASP A 173 -2.63 13.33 -7.82
CA ASP A 173 -3.42 12.19 -8.28
C ASP A 173 -2.56 10.93 -8.28
N ILE A 174 -3.16 9.83 -7.89
CA ILE A 174 -2.48 8.54 -7.84
C ILE A 174 -3.20 7.46 -8.63
N LYS A 175 -2.51 6.33 -8.79
CA LYS A 175 -3.06 5.04 -9.21
C LYS A 175 -2.60 3.91 -8.30
N VAL A 176 -3.42 2.88 -8.17
CA VAL A 176 -3.01 1.64 -7.47
C VAL A 176 -2.43 0.66 -8.48
N VAL A 177 -1.30 0.08 -8.13
CA VAL A 177 -0.61 -0.86 -9.05
C VAL A 177 -0.42 -2.16 -8.33
N ASP A 178 0.10 -3.15 -9.05
CA ASP A 178 0.41 -4.49 -8.52
C ASP A 178 -0.77 -5.41 -8.10
N PHE A 179 -1.42 -6.03 -9.07
CA PHE A 179 -2.53 -6.91 -8.80
C PHE A 179 -2.17 -8.41 -8.84
N GLY A 180 -0.87 -8.68 -8.83
CA GLY A 180 -0.35 -10.03 -8.73
C GLY A 180 -0.71 -10.86 -7.54
N SER A 181 -1.16 -10.27 -6.44
CA SER A 181 -1.59 -11.06 -5.29
C SER A 181 -3.09 -10.87 -5.07
N ALA A 182 -3.73 -10.08 -5.94
CA ALA A 182 -5.14 -9.78 -5.79
C ALA A 182 -5.91 -11.11 -5.75
N THR A 183 -6.88 -11.25 -4.86
CA THR A 183 -7.51 -12.55 -4.62
C THR A 183 -9.01 -12.40 -4.57
N TYR A 184 -9.71 -13.19 -5.39
CA TYR A 184 -11.20 -13.23 -5.40
C TYR A 184 -11.84 -13.93 -4.20
N ASP A 185 -13.08 -13.57 -3.84
CA ASP A 185 -13.70 -14.11 -2.61
C ASP A 185 -13.69 -15.62 -2.65
N ASP A 186 -13.86 -16.17 -3.85
CA ASP A 186 -14.11 -17.61 -4.08
C ASP A 186 -12.82 -18.42 -4.31
N GLU A 187 -11.69 -17.73 -4.45
CA GLU A 187 -10.44 -18.36 -4.75
C GLU A 187 -9.72 -18.74 -3.47
N HIS A 188 -8.65 -19.50 -3.62
CA HIS A 188 -7.80 -19.88 -2.50
C HIS A 188 -7.16 -18.62 -1.93
N HIS A 189 -7.20 -18.51 -0.60
CA HIS A 189 -6.57 -17.42 0.12
C HIS A 189 -5.17 -17.90 0.61
N SER A 190 -4.10 -17.23 0.22
CA SER A 190 -2.79 -17.43 0.83
C SER A 190 -2.81 -17.25 2.37
N THR A 191 -2.09 -18.08 3.05
CA THR A 191 -1.95 -17.95 4.48
C THR A 191 -1.34 -16.63 4.96
N LEU A 192 -0.36 -16.12 4.25
CA LEU A 192 0.38 -14.95 4.71
C LEU A 192 0.31 -13.95 3.61
N VAL A 193 -0.36 -12.82 3.77
CA VAL A 193 -0.34 -11.79 2.77
C VAL A 193 0.22 -10.48 3.29
N SER A 194 0.40 -9.52 2.41
CA SER A 194 0.84 -8.15 2.77
C SER A 194 2.34 -8.09 3.09
N THR A 195 2.89 -6.90 2.96
CA THR A 195 4.23 -6.62 3.45
C THR A 195 4.09 -6.32 4.97
N ARG A 196 5.12 -6.74 5.71
CA ARG A 196 5.03 -6.87 7.16
C ARG A 196 4.46 -5.64 7.86
N HIS A 197 5.01 -4.46 7.56
CA HIS A 197 4.58 -3.23 8.23
C HIS A 197 3.13 -2.81 7.92
N TYR A 198 2.51 -3.42 6.89
CA TYR A 198 1.15 -3.12 6.51
C TYR A 198 0.22 -4.27 6.72
N ARG A 199 0.66 -5.24 7.50
CA ARG A 199 -0.01 -6.47 7.62
C ARG A 199 -0.97 -6.49 8.80
N ALA A 200 -2.23 -6.85 8.53
CA ALA A 200 -3.31 -6.82 9.53
C ALA A 200 -3.14 -7.87 10.56
N PRO A 201 -3.69 -7.65 11.78
CA PRO A 201 -3.51 -8.60 12.88
C PRO A 201 -4.13 -9.92 12.62
N GLU A 202 -5.25 -9.96 11.87
CA GLU A 202 -5.86 -11.29 11.56
C GLU A 202 -4.95 -12.17 10.68
N VAL A 203 -4.14 -11.54 9.83
CA VAL A 203 -3.18 -12.24 9.02
C VAL A 203 -2.06 -12.79 9.92
N ILE A 204 -1.47 -11.93 10.76
CA ILE A 204 -0.41 -12.35 11.71
C ILE A 204 -0.86 -13.54 12.59
N LEU A 205 -2.13 -13.54 13.03
CA LEU A 205 -2.65 -14.59 13.91
C LEU A 205 -3.27 -15.77 13.15
N ALA A 206 -3.17 -15.72 11.83
CA ALA A 206 -3.65 -16.78 10.93
C ALA A 206 -5.13 -17.12 11.14
N LEU A 207 -5.96 -16.09 11.27
CA LEU A 207 -7.38 -16.30 11.53
C LEU A 207 -8.20 -16.36 10.24
N GLY A 208 -7.58 -16.16 9.09
CA GLY A 208 -8.30 -16.02 7.83
C GLY A 208 -8.45 -14.55 7.62
N TRP A 209 -8.56 -14.10 6.36
CA TRP A 209 -8.75 -12.69 6.06
C TRP A 209 -9.64 -12.51 4.82
N SER A 210 -10.10 -11.27 4.60
CA SER A 210 -10.78 -10.87 3.36
C SER A 210 -10.55 -9.40 3.23
N GLN A 211 -11.50 -8.72 2.62
CA GLN A 211 -11.42 -7.35 2.28
C GLN A 211 -10.93 -6.45 3.47
N PRO A 212 -11.30 -6.78 4.69
CA PRO A 212 -10.86 -5.87 5.74
C PRO A 212 -9.33 -5.81 5.92
N CYS A 213 -8.55 -6.80 5.47
CA CYS A 213 -7.09 -6.69 5.62
C CYS A 213 -6.51 -5.56 4.81
N ASP A 214 -7.17 -5.15 3.72
CA ASP A 214 -6.67 -4.09 2.88
C ASP A 214 -6.91 -2.75 3.60
N VAL A 215 -8.00 -2.69 4.37
CA VAL A 215 -8.36 -1.44 5.12
C VAL A 215 -7.27 -1.20 6.19
N TRP A 216 -6.83 -2.24 6.86
CA TRP A 216 -5.75 -2.11 7.84
C TRP A 216 -4.52 -1.56 7.18
N SER A 217 -4.16 -2.17 6.05
CA SER A 217 -3.03 -1.69 5.23
C SER A 217 -3.12 -0.21 4.90
N ILE A 218 -4.29 0.22 4.47
CA ILE A 218 -4.51 1.64 4.17
C ILE A 218 -4.32 2.50 5.43
N GLY A 219 -4.80 2.06 6.57
CA GLY A 219 -4.63 2.81 7.82
C GLY A 219 -3.14 3.04 8.04
N CYS A 220 -2.36 1.99 7.82
CA CYS A 220 -0.92 2.06 8.05
C CYS A 220 -0.32 3.00 7.07
N ILE A 221 -0.78 2.96 5.83
CA ILE A 221 -0.27 3.83 4.81
C ILE A 221 -0.47 5.33 5.15
N LEU A 222 -1.65 5.66 5.63
CA LEU A 222 -1.96 7.06 5.92
C LEU A 222 -1.08 7.62 7.05
N ILE A 223 -0.91 6.84 8.10
CA ILE A 223 0.07 7.10 9.19
C ILE A 223 1.46 7.42 8.66
N GLU A 224 1.98 6.65 7.68
CA GLU A 224 3.27 6.94 7.05
C GLU A 224 3.28 8.22 6.26
N TYR A 225 2.17 8.52 5.62
CA TYR A 225 2.14 9.70 4.83
C TYR A 225 2.15 10.91 5.77
N TYR A 226 1.52 10.73 6.93
CA TYR A 226 1.38 11.82 7.89
C TYR A 226 2.64 12.07 8.72
N LEU A 227 3.28 10.99 9.16
CA LEU A 227 4.53 11.07 9.92
C LEU A 227 5.75 11.12 9.08
N GLY A 228 5.77 10.37 8.00
CA GLY A 228 6.99 10.19 7.19
C GLY A 228 7.80 8.97 7.55
N PHE A 229 7.32 8.20 8.50
CA PHE A 229 8.00 6.98 8.91
C PHE A 229 6.91 6.03 9.39
N THR A 230 7.28 4.78 9.57
CA THR A 230 6.26 3.80 9.98
C THR A 230 6.14 3.76 11.47
N VAL A 231 4.97 3.44 11.95
CA VAL A 231 4.85 3.28 13.39
C VAL A 231 5.13 1.85 13.77
N PHE A 232 5.43 1.00 12.77
CA PHE A 232 5.80 -0.37 13.06
C PHE A 232 7.22 -0.76 12.59
N PRO A 233 8.25 -0.21 13.25
CA PRO A 233 9.64 -0.46 12.80
C PRO A 233 10.19 -1.79 13.32
N THR A 234 9.69 -2.88 12.74
CA THR A 234 9.92 -4.23 13.20
C THR A 234 10.08 -5.18 12.04
N HIS A 235 10.75 -6.28 12.32
CA HIS A 235 10.75 -7.42 11.44
C HIS A 235 10.49 -8.67 12.21
N ASP A 236 9.71 -8.60 13.28
CA ASP A 236 9.41 -9.82 14.04
C ASP A 236 7.93 -9.79 14.47
N SER A 237 7.29 -10.94 14.34
CA SER A 237 5.83 -11.03 14.47
C SER A 237 5.34 -10.64 15.87
N LYS A 238 5.94 -11.22 16.88
CA LYS A 238 5.52 -11.02 18.24
C LYS A 238 5.77 -9.57 18.68
N GLU A 239 6.96 -9.06 18.36
CA GLU A 239 7.22 -7.63 18.57
C GLU A 239 6.18 -6.75 17.86
N HIS A 240 5.77 -7.14 16.66
CA HIS A 240 4.89 -6.32 15.88
C HIS A 240 3.57 -6.20 16.63
N LEU A 241 3.11 -7.30 17.20
CA LEU A 241 1.94 -7.34 18.00
C LEU A 241 2.10 -6.47 19.24
N ALA A 242 3.29 -6.55 19.86
CA ALA A 242 3.59 -5.72 21.03
C ALA A 242 3.51 -4.28 20.67
N MET A 243 3.93 -3.91 19.47
CA MET A 243 3.80 -2.53 19.00
C MET A 243 2.31 -2.16 18.81
N MET A 244 1.52 -3.06 18.24
CA MET A 244 0.12 -2.74 18.12
C MET A 244 -0.49 -2.47 19.51
N GLU A 245 -0.19 -3.33 20.48
CA GLU A 245 -0.78 -3.19 21.82
C GLU A 245 -0.39 -1.84 22.48
N ARG A 246 0.83 -1.42 22.22
CA ARG A 246 1.31 -0.16 22.72
C ARG A 246 0.64 1.04 22.03
N ILE A 247 0.37 0.91 20.73
CA ILE A 247 -0.24 2.00 19.94
C ILE A 247 -1.79 2.00 20.05
N LEU A 248 -2.37 0.82 20.24
CA LEU A 248 -3.81 0.62 20.17
C LEU A 248 -4.48 -0.05 21.38
N GLY A 249 -3.74 -0.49 22.37
CA GLY A 249 -4.33 -1.15 23.51
C GLY A 249 -4.33 -2.63 23.27
N PRO A 250 -4.74 -3.41 24.28
CA PRO A 250 -4.67 -4.86 24.24
C PRO A 250 -5.40 -5.43 23.05
N LEU A 251 -4.94 -6.58 22.58
CA LEU A 251 -5.68 -7.32 21.58
C LEU A 251 -6.97 -7.83 22.25
N PRO A 252 -8.07 -7.91 21.49
CA PRO A 252 -9.29 -8.56 21.99
C PRO A 252 -9.14 -10.03 22.32
N LYS A 253 -9.68 -10.40 23.45
CA LYS A 253 -9.57 -11.76 23.94
C LYS A 253 -10.02 -12.82 22.94
N HIS A 254 -11.07 -12.57 22.19
CA HIS A 254 -11.55 -13.63 21.31
C HIS A 254 -10.62 -13.90 20.13
N MET A 255 -9.92 -12.88 19.67
CA MET A 255 -8.87 -13.09 18.65
C MET A 255 -7.75 -13.89 19.27
N ILE A 256 -7.40 -13.58 20.52
CA ILE A 256 -6.38 -14.38 21.19
C ILE A 256 -6.82 -15.82 21.42
N GLN A 257 -8.08 -16.07 21.75
CA GLN A 257 -8.45 -17.49 21.95
C GLN A 257 -8.55 -18.23 20.61
N LYS A 258 -8.90 -17.53 19.55
CA LYS A 258 -9.11 -18.20 18.28
C LYS A 258 -7.77 -18.66 17.63
N THR A 259 -6.73 -17.88 17.86
CA THR A 259 -5.46 -18.12 17.24
C THR A 259 -4.82 -19.45 17.61
N ARG A 260 -4.11 -20.01 16.65
CA ARG A 260 -3.22 -21.15 16.95
C ARG A 260 -1.74 -20.81 17.12
N LYS A 261 -1.41 -19.53 17.02
CA LYS A 261 -0.02 -19.05 17.18
C LYS A 261 0.35 -18.90 18.67
N ARG A 262 0.33 -20.02 19.37
CA ARG A 262 0.33 -20.03 20.81
C ARG A 262 1.67 -19.50 21.35
N LYS A 263 2.70 -19.65 20.54
CA LYS A 263 4.03 -19.14 20.83
C LYS A 263 4.04 -17.67 21.18
N TYR A 264 3.14 -16.87 20.60
CA TYR A 264 3.04 -15.45 20.93
C TYR A 264 2.36 -15.12 22.28
N PHE A 265 1.75 -16.10 22.92
CA PHE A 265 0.87 -15.85 24.04
C PHE A 265 1.27 -16.68 25.25
N HIS A 266 1.03 -16.10 26.42
CA HIS A 266 1.22 -16.75 27.71
C HIS A 266 -0.02 -16.51 28.53
N HIS A 267 -0.57 -17.60 29.05
CA HIS A 267 -1.96 -17.61 29.44
C HIS A 267 -2.69 -17.06 28.22
N ASP A 268 -3.60 -16.11 28.41
CA ASP A 268 -4.30 -15.57 27.24
C ASP A 268 -3.91 -14.10 27.08
N ARG A 269 -2.63 -13.81 27.27
CA ARG A 269 -2.06 -12.46 27.04
C ARG A 269 -0.77 -12.58 26.20
N LEU A 270 -0.37 -11.46 25.61
CA LEU A 270 0.80 -11.47 24.73
C LEU A 270 2.03 -11.77 25.57
N ASP A 271 2.84 -12.73 25.17
CA ASP A 271 4.00 -13.11 25.98
C ASP A 271 5.16 -12.08 25.77
N TRP A 272 5.01 -10.89 26.36
CA TRP A 272 5.91 -9.80 26.10
C TRP A 272 6.39 -9.15 27.40
N ASP A 273 7.69 -9.21 27.64
CA ASP A 273 8.38 -8.50 28.70
C ASP A 273 8.71 -7.03 28.36
N GLU A 274 7.93 -6.10 28.89
CA GLU A 274 8.16 -4.68 28.67
C GLU A 274 9.54 -4.22 29.16
N HIS A 275 10.15 -5.01 30.05
CA HIS A 275 11.49 -4.71 30.65
C HIS A 275 12.72 -5.28 29.94
N SER A 276 12.49 -6.20 28.99
CA SER A 276 13.52 -6.64 28.03
C SER A 276 14.02 -5.50 27.17
N SER A 277 15.12 -5.79 26.53
CA SER A 277 15.66 -4.84 25.60
C SER A 277 14.67 -4.53 24.42
N ALA A 278 14.05 -5.58 23.89
CA ALA A 278 13.02 -5.37 22.86
C ALA A 278 11.86 -4.58 23.43
N GLY A 279 11.52 -4.87 24.69
CA GLY A 279 10.48 -4.10 25.38
C GLY A 279 10.77 -2.65 25.47
N ARG A 280 12.00 -2.30 25.85
CA ARG A 280 12.41 -0.89 25.82
C ARG A 280 12.35 -0.31 24.47
N TYR A 281 12.77 -1.05 23.43
CA TYR A 281 12.72 -0.49 22.05
C TYR A 281 11.28 -0.07 21.60
N VAL A 282 10.34 -0.96 21.87
CA VAL A 282 8.91 -0.73 21.59
C VAL A 282 8.39 0.53 22.36
N SER A 283 8.61 0.56 23.68
CA SER A 283 8.21 1.70 24.54
C SER A 283 8.79 2.97 24.02
N ARG A 284 10.08 2.92 23.66
CA ARG A 284 10.75 4.09 23.02
C ARG A 284 10.20 4.54 21.66
N ARG A 285 9.91 3.61 20.75
CA ARG A 285 9.49 3.97 19.38
C ARG A 285 7.98 4.09 19.15
N CYS A 286 7.16 3.58 20.07
CA CYS A 286 5.72 3.44 19.87
C CYS A 286 5.03 3.97 21.12
N LYS A 287 3.86 4.53 20.94
CA LYS A 287 3.08 5.09 22.01
C LYS A 287 1.65 5.24 21.52
N PRO A 288 0.73 5.56 22.43
CA PRO A 288 -0.64 5.59 21.99
C PRO A 288 -0.85 6.44 20.77
N LEU A 289 -1.64 5.89 19.84
CA LEU A 289 -1.89 6.47 18.53
C LEU A 289 -2.06 7.94 18.49
N LYS A 290 -2.97 8.46 19.30
CA LYS A 290 -3.35 9.88 19.16
C LYS A 290 -2.20 10.76 19.64
N GLU A 291 -1.29 10.21 20.45
CA GLU A 291 -0.05 10.96 20.82
C GLU A 291 0.87 11.19 19.65
N PHE A 292 0.58 10.67 18.43
CA PHE A 292 1.43 10.96 17.26
C PHE A 292 0.96 12.19 16.57
N MET A 293 -0.24 12.64 16.90
CA MET A 293 -0.77 13.81 16.19
C MET A 293 0.16 15.00 16.36
N LEU A 294 0.39 15.73 15.26
CA LEU A 294 1.20 16.92 15.30
C LEU A 294 0.41 18.20 15.64
N SER A 295 -0.91 18.18 15.48
CA SER A 295 -1.77 19.28 15.88
C SER A 295 -3.08 18.71 16.40
N GLN A 296 -3.88 19.53 17.10
CA GLN A 296 -5.18 19.10 17.65
C GLN A 296 -6.36 19.67 16.90
N ASP A 297 -6.09 20.45 15.85
CA ASP A 297 -7.15 21.07 15.07
C ASP A 297 -7.98 19.98 14.45
N VAL A 298 -9.24 20.29 14.16
CA VAL A 298 -10.23 19.24 14.02
C VAL A 298 -9.99 18.32 12.78
N GLU A 299 -9.40 18.86 11.72
CA GLU A 299 -9.01 18.11 10.52
C GLU A 299 -8.04 17.00 10.89
N HIS A 300 -7.00 17.33 11.67
CA HIS A 300 -6.08 16.31 12.20
C HIS A 300 -6.81 15.30 13.04
N GLU A 301 -7.74 15.73 13.89
CA GLU A 301 -8.52 14.80 14.69
C GLU A 301 -9.34 13.84 13.83
N ARG A 302 -9.83 14.32 12.70
CA ARG A 302 -10.72 13.47 11.89
C ARG A 302 -9.88 12.43 11.10
N LEU A 303 -8.75 12.86 10.56
CA LEU A 303 -7.76 11.90 10.02
C LEU A 303 -7.55 10.79 11.03
N PHE A 304 -7.27 11.15 12.29
CA PHE A 304 -6.87 10.13 13.27
C PHE A 304 -8.00 9.29 13.73
N ASP A 305 -9.19 9.88 13.68
CA ASP A 305 -10.41 9.12 13.94
C ASP A 305 -10.66 8.04 12.84
N LEU A 306 -10.43 8.43 11.60
CA LEU A 306 -10.44 7.48 10.45
C LEU A 306 -9.33 6.41 10.56
N ILE A 307 -8.13 6.89 10.85
CA ILE A 307 -7.01 6.00 11.02
C ILE A 307 -7.35 4.98 12.03
N GLN A 308 -7.78 5.42 13.22
CA GLN A 308 -8.16 4.53 14.30
C GLN A 308 -9.18 3.54 13.90
N LYS A 309 -10.16 4.02 13.16
CA LYS A 309 -11.20 3.11 12.70
C LYS A 309 -10.70 2.07 11.70
N MET A 310 -9.81 2.50 10.80
CA MET A 310 -9.10 1.51 9.92
C MET A 310 -8.24 0.53 10.69
N LEU A 311 -7.75 0.94 11.85
CA LEU A 311 -6.92 0.06 12.64
C LEU A 311 -7.64 -0.56 13.81
N GLU A 312 -8.91 -0.81 13.59
CA GLU A 312 -9.66 -1.64 14.48
C GLU A 312 -9.16 -3.09 14.45
N TYR A 313 -8.88 -3.68 15.61
CA TYR A 313 -8.37 -5.04 15.66
C TYR A 313 -9.25 -6.06 14.92
N ASP A 314 -10.57 -6.02 15.19
CA ASP A 314 -11.50 -7.11 14.81
C ASP A 314 -11.94 -6.83 13.43
N PRO A 315 -11.53 -7.67 12.47
CA PRO A 315 -11.87 -7.33 11.08
C PRO A 315 -13.40 -7.18 10.81
N ALA A 316 -14.20 -7.89 11.59
CA ALA A 316 -15.67 -7.76 11.49
C ALA A 316 -16.13 -6.37 11.94
N LYS A 317 -15.38 -5.72 12.82
CA LYS A 317 -15.81 -4.42 13.28
C LYS A 317 -15.12 -3.34 12.53
N ARG A 318 -14.05 -3.67 11.82
CA ARG A 318 -13.33 -2.61 11.13
C ARG A 318 -14.23 -1.86 10.18
N ILE A 319 -13.96 -0.58 9.98
CA ILE A 319 -14.68 0.20 9.03
C ILE A 319 -14.47 -0.33 7.57
N THR A 320 -15.49 -0.21 6.71
CA THR A 320 -15.44 -0.69 5.36
C THR A 320 -15.06 0.51 4.57
N LEU A 321 -14.62 0.33 3.32
CA LEU A 321 -14.23 1.49 2.54
C LEU A 321 -15.38 2.33 2.05
N ARG A 322 -16.52 1.67 1.87
CA ARG A 322 -17.80 2.35 1.64
C ARG A 322 -18.07 3.42 2.73
N GLU A 323 -17.99 3.00 3.98
CA GLU A 323 -18.14 3.93 5.12
C GLU A 323 -17.02 4.95 5.15
N ALA A 324 -15.79 4.47 4.99
CA ALA A 324 -14.66 5.39 4.95
C ALA A 324 -14.85 6.51 3.97
N LEU A 325 -15.35 6.20 2.77
CA LEU A 325 -15.49 7.19 1.74
C LEU A 325 -16.43 8.37 2.13
N LYS A 326 -17.25 8.19 3.13
CA LYS A 326 -18.12 9.30 3.60
C LYS A 326 -17.66 9.84 4.95
N HIS A 327 -16.38 9.63 5.30
CA HIS A 327 -15.90 10.02 6.60
C HIS A 327 -15.79 11.55 6.56
N PRO A 328 -16.10 12.21 7.68
CA PRO A 328 -15.93 13.66 7.82
C PRO A 328 -14.59 14.18 7.31
N PHE A 329 -13.51 13.42 7.55
CA PHE A 329 -12.18 13.77 7.00
C PHE A 329 -12.21 14.13 5.52
N PHE A 330 -13.11 13.53 4.74
CA PHE A 330 -13.12 13.81 3.29
C PHE A 330 -13.97 15.07 2.80
N ASP A 331 -14.83 15.64 3.66
CA ASP A 331 -15.68 16.80 3.23
C ASP A 331 -15.05 17.90 2.49
N LEU A 332 -13.94 18.38 3.06
CA LEU A 332 -13.27 19.55 2.49
C LEU A 332 -12.84 19.31 1.05
N LEU A 333 -13.24 18.16 0.49
CA LEU A 333 -13.00 17.88 -0.92
C LEU A 333 -14.16 18.22 -1.79
N LYS A 334 -15.24 18.80 -1.25
CA LYS A 334 -16.39 19.23 -2.06
C LYS A 334 -16.54 20.74 -2.06
#